data_4WWD
#
_entry.id   4WWD
#
_cell.length_a   32.420
_cell.length_b   32.420
_cell.length_c   196.100
_cell.angle_alpha   90.000
_cell.angle_beta   90.000
_cell.angle_gamma   90.000
#
_symmetry.space_group_name_H-M   'P 41 21 2'
#
loop_
_entity.id
_entity.type
_entity.pdbx_description
1 polymer 'Nickel and cobalt resistance protein CnrR'
2 non-polymer 'COBALT (II) ION'
3 non-polymer 'CHLORIDE ION'
4 non-polymer 'CARBON DIOXIDE'
5 non-polymer 'POTASSIUM ION'
6 non-polymer 'FORMIC ACID'
7 water water
#
_entity_poly.entity_id   1
_entity_poly.type   'polypeptide(L)'
_entity_poly.pdbx_seq_one_letter_code
;SHRNEAGHGDLHEILHEAVPLDANEREILELKEDAFAQRRREIETRLRAANGKLADAIAKNPAWSPEVEAATQEVERAAG
DLQRATLVHVFEMRAGLKPEHRPAFDRVLIDALRRGSQ
;
_entity_poly.pdbx_strand_id   A
#
loop_
_chem_comp.id
_chem_comp.type
_chem_comp.name
_chem_comp.formula
CL non-polymer 'CHLORIDE ION' 'Cl -1'
CO non-polymer 'COBALT (II) ION' 'Co 2'
CO2 non-polymer 'CARBON DIOXIDE' 'C O2'
FMT non-polymer 'FORMIC ACID' 'C H2 O2'
K non-polymer 'POTASSIUM ION' 'K 1'
#
# COMPACT_ATOMS: atom_id res chain seq x y z
N GLY A 7 3.11 -4.86 12.94
CA GLY A 7 4.02 -3.73 12.61
C GLY A 7 3.42 -2.85 11.52
N HIS A 8 4.23 -1.90 11.05
CA HIS A 8 3.83 -0.94 10.04
C HIS A 8 4.90 -0.81 8.93
N GLY A 9 5.54 -1.92 8.54
CA GLY A 9 6.60 -1.92 7.53
C GLY A 9 6.08 -1.50 6.17
N ASP A 10 6.96 -0.89 5.38
CA ASP A 10 6.65 -0.50 4.01
C ASP A 10 7.04 -1.67 3.10
N LEU A 11 6.08 -2.56 2.84
CA LEU A 11 6.36 -3.79 2.10
C LEU A 11 7.04 -3.57 0.75
N HIS A 12 6.54 -2.61 -0.01
CA HIS A 12 7.10 -2.33 -1.32
C HIS A 12 8.58 -1.92 -1.25
N GLU A 13 8.86 -0.97 -0.36
CA GLU A 13 10.23 -0.52 -0.12
CA GLU A 13 10.23 -0.52 -0.13
C GLU A 13 11.14 -1.63 0.39
N ILE A 14 10.60 -2.47 1.30
CA ILE A 14 11.39 -3.57 1.84
C ILE A 14 11.86 -4.49 0.71
N LEU A 15 10.95 -4.81 -0.21
CA LEU A 15 11.30 -5.69 -1.36
C LEU A 15 12.31 -5.02 -2.31
N HIS A 16 12.08 -3.79 -2.72
CA HIS A 16 13.03 -3.18 -3.66
C HIS A 16 14.41 -2.98 -3.04
N GLU A 17 14.49 -2.80 -1.73
CA GLU A 17 15.79 -2.62 -1.09
C GLU A 17 16.51 -3.95 -0.83
N ALA A 18 15.78 -4.96 -0.38
CA ALA A 18 16.41 -6.24 0.03
C ALA A 18 16.67 -7.21 -1.14
N VAL A 19 15.79 -7.18 -2.14
CA VAL A 19 15.89 -8.08 -3.29
C VAL A 19 15.72 -7.23 -4.55
N PRO A 20 16.63 -6.28 -4.76
CA PRO A 20 16.47 -5.37 -5.91
C PRO A 20 16.42 -6.11 -7.25
N LEU A 21 15.68 -5.49 -8.17
CA LEU A 21 15.62 -6.00 -9.56
C LEU A 21 17.00 -5.96 -10.21
N ASP A 22 17.29 -6.95 -11.05
CA ASP A 22 18.51 -6.94 -11.87
C ASP A 22 18.35 -5.98 -13.06
N ALA A 23 19.38 -5.81 -13.89
CA ALA A 23 19.34 -4.74 -14.91
C ALA A 23 18.21 -4.95 -15.89
N ASN A 24 18.01 -6.19 -16.36
CA ASN A 24 16.98 -6.48 -17.33
C ASN A 24 15.61 -6.45 -16.65
N GLU A 25 15.48 -7.00 -15.44
CA GLU A 25 14.20 -6.95 -14.74
C GLU A 25 13.77 -5.48 -14.53
N ARG A 26 14.72 -4.62 -14.22
CA ARG A 26 14.38 -3.22 -13.99
CA ARG A 26 14.43 -3.20 -14.00
C ARG A 26 13.84 -2.59 -15.27
N GLU A 27 14.44 -2.94 -16.40
CA GLU A 27 13.93 -2.44 -17.69
C GLU A 27 12.53 -2.93 -17.96
N ILE A 28 12.30 -4.21 -17.72
CA ILE A 28 10.99 -4.83 -18.00
C ILE A 28 9.90 -4.24 -17.12
N LEU A 29 10.23 -3.99 -15.85
CA LEU A 29 9.26 -3.55 -14.87
C LEU A 29 9.04 -2.05 -14.84
N GLU A 30 9.82 -1.26 -15.57
CA GLU A 30 9.81 0.20 -15.40
C GLU A 30 8.41 0.81 -15.62
N LEU A 31 7.67 0.33 -16.61
CA LEU A 31 6.33 0.87 -16.89
CA LEU A 31 6.37 0.90 -16.89
C LEU A 31 5.38 0.61 -15.72
N LYS A 32 5.32 -0.65 -15.27
CA LYS A 32 4.43 -1.02 -14.17
C LYS A 32 4.87 -0.36 -12.85
N GLU A 33 6.18 -0.19 -12.65
CA GLU A 33 6.66 0.50 -11.45
C GLU A 33 6.18 1.96 -11.45
N ASP A 34 6.20 2.61 -12.62
CA ASP A 34 5.72 3.99 -12.70
C ASP A 34 4.24 4.09 -12.48
N ALA A 35 3.49 3.18 -13.10
CA ALA A 35 2.04 3.17 -12.93
C ALA A 35 1.67 2.97 -11.46
N PHE A 36 2.40 2.11 -10.77
CA PHE A 36 2.19 1.90 -9.33
C PHE A 36 2.53 3.15 -8.51
N ALA A 37 3.66 3.79 -8.80
CA ALA A 37 4.04 5.02 -8.09
C ALA A 37 2.91 6.04 -8.17
N GLN A 38 2.32 6.16 -9.35
CA GLN A 38 1.25 7.14 -9.54
C GLN A 38 0.00 6.75 -8.75
N ARG A 39 -0.35 5.48 -8.80
CA ARG A 39 -1.48 4.93 -8.05
C ARG A 39 -1.30 5.08 -6.53
N ARG A 40 -0.13 4.70 -6.02
CA ARG A 40 0.17 4.90 -4.58
C ARG A 40 -0.04 6.37 -4.19
N ARG A 41 0.51 7.31 -4.95
CA ARG A 41 0.39 8.74 -4.66
C ARG A 41 -1.08 9.16 -4.62
N GLU A 42 -1.87 8.72 -5.60
CA GLU A 42 -3.30 9.05 -5.63
C GLU A 42 -4.06 8.55 -4.40
N ILE A 43 -3.79 7.31 -3.98
CA ILE A 43 -4.51 6.77 -2.86
C ILE A 43 -4.03 7.44 -1.56
N GLU A 44 -2.74 7.74 -1.46
CA GLU A 44 -2.26 8.45 -0.30
C GLU A 44 -2.84 9.85 -0.19
N THR A 45 -3.06 10.52 -1.32
CA THR A 45 -3.76 11.82 -1.31
C THR A 45 -5.17 11.67 -0.74
N ARG A 46 -5.87 10.62 -1.15
CA ARG A 46 -7.20 10.35 -0.61
C ARG A 46 -7.16 10.02 0.91
N LEU A 47 -6.15 9.28 1.35
CA LEU A 47 -6.00 8.94 2.75
C LEU A 47 -5.76 10.20 3.59
N ARG A 48 -4.85 11.06 3.18
CA ARG A 48 -4.57 12.29 3.90
C ARG A 48 -5.85 13.14 3.98
N ALA A 49 -6.59 13.23 2.87
CA ALA A 49 -7.83 14.02 2.84
C ALA A 49 -8.86 13.40 3.81
N ALA A 50 -8.95 12.10 3.87
CA ALA A 50 -9.89 11.41 4.79
C ALA A 50 -9.49 11.65 6.25
N ASN A 51 -8.18 11.65 6.51
CA ASN A 51 -7.71 11.94 7.86
C ASN A 51 -8.13 13.36 8.25
N GLY A 52 -7.97 14.27 7.30
CA GLY A 52 -8.40 15.67 7.50
C GLY A 52 -9.87 15.79 7.79
N LYS A 53 -10.71 15.03 7.08
CA LYS A 53 -12.17 15.03 7.32
C LYS A 53 -12.50 14.48 8.70
N LEU A 54 -11.77 13.47 9.18
CA LEU A 54 -12.03 12.93 10.48
C LEU A 54 -11.62 13.94 11.54
N ALA A 55 -10.46 14.55 11.39
CA ALA A 55 -10.04 15.62 12.31
C ALA A 55 -11.06 16.76 12.32
N ASP A 56 -11.49 17.20 11.15
CA ASP A 56 -12.49 18.27 11.08
C ASP A 56 -13.76 17.91 11.84
N ALA A 57 -14.23 16.67 11.64
CA ALA A 57 -15.49 16.23 12.24
C ALA A 57 -15.41 16.31 13.74
N ILE A 58 -14.31 15.83 14.28
CA ILE A 58 -14.11 15.78 15.73
C ILE A 58 -13.84 17.19 16.30
N ALA A 59 -13.21 18.05 15.51
CA ALA A 59 -13.05 19.47 15.91
C ALA A 59 -14.40 20.16 16.04
N LYS A 60 -15.28 19.85 15.12
CA LYS A 60 -16.65 20.41 15.16
C LYS A 60 -17.49 19.90 16.33
N ASN A 61 -17.48 18.58 16.50
CA ASN A 61 -18.35 17.91 17.45
C ASN A 61 -17.62 16.63 17.85
N PRO A 62 -16.99 16.62 19.03
CA PRO A 62 -16.14 15.49 19.40
C PRO A 62 -16.93 14.34 20.02
N ALA A 63 -17.63 13.65 19.12
CA ALA A 63 -18.47 12.52 19.46
C ALA A 63 -18.61 11.66 18.23
N TRP A 64 -19.07 10.42 18.40
N TRP A 64 -19.07 10.41 18.39
CA TRP A 64 -19.47 9.63 17.23
CA TRP A 64 -19.28 9.53 17.22
C TRP A 64 -20.64 10.37 16.60
C TRP A 64 -20.52 9.94 16.46
N SER A 65 -20.69 10.35 15.29
N SER A 65 -20.38 10.87 15.51
CA SER A 65 -21.56 11.25 14.62
CA SER A 65 -21.48 11.45 14.71
C SER A 65 -21.60 10.78 13.21
C SER A 65 -21.63 10.78 13.31
N PRO A 66 -22.59 11.25 12.48
CA PRO A 66 -22.59 10.83 11.08
C PRO A 66 -21.30 11.24 10.35
N GLU A 67 -20.74 12.38 10.71
CA GLU A 67 -19.52 12.91 10.09
CA GLU A 67 -19.53 12.86 10.03
C GLU A 67 -18.33 12.02 10.45
N VAL A 68 -18.30 11.57 11.70
CA VAL A 68 -17.23 10.68 12.11
C VAL A 68 -17.38 9.32 11.45
N GLU A 69 -18.61 8.82 11.39
CA GLU A 69 -18.89 7.52 10.75
C GLU A 69 -18.41 7.54 9.29
N ALA A 70 -18.76 8.60 8.57
CA ALA A 70 -18.42 8.70 7.15
C ALA A 70 -16.89 8.85 6.98
N ALA A 71 -16.26 9.68 7.80
CA ALA A 71 -14.82 9.90 7.69
C ALA A 71 -14.04 8.64 8.03
N THR A 72 -14.45 7.92 9.06
CA THR A 72 -13.83 6.67 9.44
CA THR A 72 -13.73 6.70 9.40
C THR A 72 -13.89 5.64 8.32
N GLN A 73 -15.07 5.53 7.70
CA GLN A 73 -15.25 4.63 6.56
C GLN A 73 -14.38 5.01 5.37
N GLU A 74 -14.25 6.31 5.11
CA GLU A 74 -13.42 6.82 4.01
CA GLU A 74 -13.41 6.81 4.02
C GLU A 74 -11.94 6.50 4.27
N VAL A 75 -11.51 6.67 5.52
CA VAL A 75 -10.14 6.31 5.91
C VAL A 75 -9.89 4.81 5.68
N GLU A 76 -10.77 3.97 6.18
CA GLU A 76 -10.70 2.51 6.01
CA GLU A 76 -10.53 2.54 6.00
C GLU A 76 -10.64 2.10 4.55
N ARG A 77 -11.50 2.73 3.75
CA ARG A 77 -11.59 2.41 2.33
CA ARG A 77 -11.57 2.38 2.32
C ARG A 77 -10.28 2.74 1.60
N ALA A 78 -9.73 3.93 1.86
CA ALA A 78 -8.46 4.31 1.24
C ALA A 78 -7.33 3.41 1.74
N ALA A 79 -7.30 3.09 3.04
CA ALA A 79 -6.24 2.20 3.58
C ALA A 79 -6.30 0.82 2.92
N GLY A 80 -7.50 0.28 2.77
CA GLY A 80 -7.68 -1.00 2.08
C GLY A 80 -7.31 -0.94 0.60
N ASP A 81 -7.69 0.14 -0.07
CA ASP A 81 -7.30 0.30 -1.46
C ASP A 81 -5.77 0.29 -1.62
N LEU A 82 -5.09 0.97 -0.71
CA LEU A 82 -3.61 1.02 -0.73
C LEU A 82 -3.01 -0.38 -0.46
N GLN A 83 -3.52 -1.07 0.56
CA GLN A 83 -3.06 -2.41 0.86
C GLN A 83 -3.18 -3.35 -0.37
N ARG A 84 -4.38 -3.34 -0.97
CA ARG A 84 -4.66 -4.22 -2.11
CA ARG A 84 -4.66 -4.22 -2.11
C ARG A 84 -3.81 -3.81 -3.32
N ALA A 85 -3.73 -2.52 -3.62
CA ALA A 85 -2.97 -2.10 -4.79
C ALA A 85 -1.51 -2.48 -4.65
N THR A 86 -0.97 -2.30 -3.44
CA THR A 86 0.40 -2.68 -3.17
C THR A 86 0.63 -4.16 -3.42
N LEU A 87 -0.23 -5.00 -2.87
CA LEU A 87 -0.03 -6.43 -3.01
CA LEU A 87 -0.08 -6.46 -3.02
C LEU A 87 -0.19 -6.86 -4.49
N VAL A 88 -1.15 -6.27 -5.21
CA VAL A 88 -1.25 -6.58 -6.63
C VAL A 88 0.07 -6.21 -7.35
N HIS A 89 0.64 -5.04 -7.03
CA HIS A 89 1.89 -4.67 -7.65
C HIS A 89 3.05 -5.59 -7.23
N VAL A 90 3.07 -6.03 -6.00
CA VAL A 90 4.06 -7.02 -5.57
C VAL A 90 3.99 -8.27 -6.48
N PHE A 91 2.75 -8.73 -6.77
CA PHE A 91 2.62 -9.84 -7.67
C PHE A 91 3.02 -9.49 -9.12
N GLU A 92 2.80 -8.24 -9.57
CA GLU A 92 3.34 -7.76 -10.85
C GLU A 92 4.86 -7.90 -10.88
N MET A 93 5.53 -7.45 -9.81
CA MET A 93 6.97 -7.59 -9.69
C MET A 93 7.43 -9.05 -9.82
N ARG A 94 6.73 -9.93 -9.12
CA ARG A 94 7.10 -11.33 -9.16
CA ARG A 94 7.04 -11.38 -9.19
C ARG A 94 6.98 -11.89 -10.60
N ALA A 95 5.95 -11.47 -11.33
CA ALA A 95 5.76 -11.90 -12.73
C ALA A 95 6.88 -11.46 -13.63
N GLY A 96 7.51 -10.33 -13.32
CA GLY A 96 8.55 -9.75 -14.16
C GLY A 96 9.95 -10.24 -13.77
N LEU A 97 10.05 -11.00 -12.68
CA LEU A 97 11.34 -11.58 -12.28
C LEU A 97 11.69 -12.80 -13.13
N LYS A 98 12.99 -12.99 -13.33
CA LYS A 98 13.48 -14.27 -13.81
C LYS A 98 12.94 -15.34 -12.80
N PRO A 99 12.49 -16.50 -13.29
CA PRO A 99 11.94 -17.49 -12.37
C PRO A 99 12.88 -17.84 -11.23
N GLU A 100 14.17 -17.91 -11.51
CA GLU A 100 15.13 -18.29 -10.46
C GLU A 100 15.27 -17.28 -9.34
N HIS A 101 14.81 -16.04 -9.58
CA HIS A 101 14.85 -14.99 -8.56
C HIS A 101 13.63 -14.99 -7.66
N ARG A 102 12.61 -15.75 -8.03
CA ARG A 102 11.34 -15.70 -7.29
C ARG A 102 11.44 -16.27 -5.86
N PRO A 103 12.19 -17.35 -5.62
CA PRO A 103 12.21 -17.86 -4.23
C PRO A 103 12.80 -16.88 -3.21
N ALA A 104 13.88 -16.14 -3.55
CA ALA A 104 14.43 -15.14 -2.63
C ALA A 104 13.44 -14.03 -2.36
N PHE A 105 12.76 -13.60 -3.41
CA PHE A 105 11.72 -12.57 -3.35
C PHE A 105 10.64 -13.01 -2.39
N ASP A 106 10.22 -14.26 -2.56
CA ASP A 106 9.18 -14.83 -1.70
C ASP A 106 9.61 -14.92 -0.24
N ARG A 107 10.86 -15.28 0.02
CA ARG A 107 11.36 -15.34 1.41
C ARG A 107 11.17 -13.97 2.07
N VAL A 108 11.61 -12.90 1.39
CA VAL A 108 11.49 -11.57 1.95
C VAL A 108 10.02 -11.18 2.15
N LEU A 109 9.22 -11.46 1.13
CA LEU A 109 7.79 -11.16 1.14
C LEU A 109 7.02 -11.86 2.28
N ILE A 110 7.21 -13.15 2.41
CA ILE A 110 6.53 -13.95 3.44
C ILE A 110 6.91 -13.41 4.82
N ASP A 111 8.22 -13.27 5.06
CA ASP A 111 8.68 -12.86 6.38
C ASP A 111 8.10 -11.45 6.71
N ALA A 112 8.12 -10.54 5.73
CA ALA A 112 7.63 -9.19 5.96
C ALA A 112 6.12 -9.14 6.20
N LEU A 113 5.36 -9.96 5.49
CA LEU A 113 3.92 -10.06 5.72
C LEU A 113 3.59 -10.52 7.11
N ARG A 114 4.37 -11.49 7.60
CA ARG A 114 4.16 -12.04 8.94
CA ARG A 114 4.18 -12.04 8.95
C ARG A 114 4.32 -10.95 10.02
N ARG A 115 5.21 -9.99 9.79
CA ARG A 115 5.48 -8.85 10.67
CA ARG A 115 5.34 -8.93 10.77
C ARG A 115 4.45 -7.71 10.50
N GLY A 116 3.53 -7.83 9.55
CA GLY A 116 2.51 -6.80 9.32
C GLY A 116 2.84 -5.74 8.29
N SER A 117 3.93 -5.93 7.53
CA SER A 117 4.30 -4.99 6.48
C SER A 117 3.23 -4.99 5.41
N GLN A 118 2.92 -3.81 4.86
CA GLN A 118 1.86 -3.62 3.89
CA GLN A 118 1.94 -3.71 3.79
C GLN A 118 2.27 -2.61 2.83
CO CO B . 7.79 -2.29 -7.41
CL CL C . 14.88 -2.54 -7.30
CL CL C . 15.00 -2.13 -8.02
CL CL D . 16.11 -16.93 -5.59
C CO2 E . 7.32 2.56 -7.92
O1 CO2 E . 6.45 1.83 -7.82
O2 CO2 E . 8.20 3.33 -8.08
K K F . -0.35 -6.83 2.52
C FMT G . 14.24 -12.09 5.47
O1 FMT G . 13.22 -11.71 6.00
O2 FMT G . 14.12 -13.17 4.74
H FMT G . 15.20 -11.59 5.58
HO2 FMT G . 14.91 -13.53 4.24
#